data_4XXH
#
_entry.id   4XXH
#
_cell.length_a   84.890
_cell.length_b   84.890
_cell.length_c   169.000
_cell.angle_alpha   90.000
_cell.angle_beta   90.000
_cell.angle_gamma   120.000
#
_symmetry.space_group_name_H-M   'P 65'
#
loop_
_entity.id
_entity.type
_entity.pdbx_description
1 polymer 'HTH-type transcriptional regulator TreR'
2 branched 6-O-phosphono-alpha-D-glucopyranose-(1-1)-alpha-D-glucopyranose
3 water water
#
_entity_poly.entity_id   1
_entity_poly.type   'polypeptide(L)'
_entity_poly.pdbx_seq_one_letter_code
;SDKVVAIIVTRLDSLSENLAVQTMLPAFYEQGYDPIMMESQFSPQLVAEHLGVLKRRNIDGVVLFGFTGITEEMLAHWQS
SLVLLARDAKGFASVCYDDEGAIKILMQRLYDQGHRNISYLGVPHSDVTTGKRRHEAYLAFCKAHKLHPVAALPGLAMKQ
GYENVAKVITPETTALLCATDTLALGASKYLQEQRIDTLQLASVGNTPLMKFLHPEIVTVDPGYAEAGRQAACQLIAQVT
GRSEPQQIIIPATLS
;
_entity_poly.pdbx_strand_id   A,B
#
loop_
_chem_comp.id
_chem_comp.type
_chem_comp.name
_chem_comp.formula
G6P D-saccharide, alpha linking 6-O-phosphono-alpha-D-glucopyranose 'C6 H13 O9 P'
GLC D-saccharide, alpha linking alpha-D-glucopyranose 'C6 H12 O6'
#
# COMPACT_ATOMS: atom_id res chain seq x y z
N SER A 1 27.84 -13.52 -1.93
CA SER A 1 28.55 -13.28 -0.66
C SER A 1 27.75 -12.40 0.32
N ASP A 2 27.00 -11.38 -0.20
CA ASP A 2 26.12 -10.53 0.60
C ASP A 2 24.90 -11.38 1.04
N LYS A 3 24.47 -11.25 2.28
CA LYS A 3 23.31 -11.99 2.80
C LYS A 3 22.04 -11.32 2.33
N VAL A 4 21.19 -12.07 1.63
CA VAL A 4 19.94 -11.57 1.05
C VAL A 4 18.82 -12.57 1.35
N VAL A 5 17.66 -12.04 1.76
CA VAL A 5 16.42 -12.80 1.97
C VAL A 5 15.35 -12.19 1.03
N ALA A 6 14.46 -13.04 0.51
CA ALA A 6 13.38 -12.56 -0.34
C ALA A 6 12.04 -12.72 0.36
N ILE A 7 11.16 -11.73 0.20
CA ILE A 7 9.81 -11.74 0.74
C ILE A 7 8.88 -11.72 -0.46
N ILE A 8 8.12 -12.82 -0.66
CA ILE A 8 7.20 -12.93 -1.78
C ILE A 8 5.76 -12.68 -1.32
N VAL A 9 5.30 -11.44 -1.45
CA VAL A 9 3.92 -11.05 -1.09
C VAL A 9 2.99 -11.48 -2.26
N THR A 10 1.65 -11.53 -2.02
CA THR A 10 0.73 -11.81 -3.13
C THR A 10 0.45 -10.48 -3.85
N ARG A 11 0.22 -9.40 -3.08
CA ARG A 11 -0.11 -8.08 -3.63
C ARG A 11 0.72 -7.01 -2.95
N LEU A 12 1.43 -6.18 -3.74
CA LEU A 12 2.23 -5.06 -3.22
C LEU A 12 1.38 -3.95 -2.62
N ASP A 13 0.08 -3.87 -3.02
CA ASP A 13 -0.81 -2.84 -2.49
C ASP A 13 -1.71 -3.38 -1.35
N SER A 14 -1.47 -4.60 -0.86
CA SER A 14 -2.24 -5.13 0.28
C SER A 14 -1.71 -4.51 1.56
N LEU A 15 -2.59 -3.81 2.31
CA LEU A 15 -2.21 -3.19 3.58
C LEU A 15 -1.92 -4.25 4.64
N SER A 16 -2.75 -5.29 4.72
CA SER A 16 -2.59 -6.41 5.66
C SER A 16 -1.24 -7.09 5.51
N GLU A 17 -0.78 -7.32 4.26
CA GLU A 17 0.52 -7.95 4.02
C GLU A 17 1.64 -7.00 4.34
N ASN A 18 1.52 -5.72 3.95
CA ASN A 18 2.51 -4.70 4.24
C ASN A 18 2.77 -4.54 5.75
N LEU A 19 1.73 -4.74 6.61
CA LEU A 19 1.91 -4.63 8.06
C LEU A 19 2.83 -5.70 8.60
N ALA A 20 2.80 -6.89 7.99
CA ALA A 20 3.67 -8.00 8.37
C ALA A 20 5.11 -7.71 7.86
N VAL A 21 5.21 -7.19 6.61
CA VAL A 21 6.47 -6.86 5.97
C VAL A 21 7.22 -5.76 6.77
N GLN A 22 6.47 -4.77 7.28
CA GLN A 22 7.00 -3.65 8.07
C GLN A 22 7.85 -4.09 9.27
N THR A 23 7.45 -5.16 9.96
CA THR A 23 8.19 -5.69 11.10
C THR A 23 9.26 -6.71 10.68
N MET A 24 9.14 -7.34 9.48
CA MET A 24 10.16 -8.26 8.96
C MET A 24 11.46 -7.50 8.64
N LEU A 25 11.33 -6.34 7.97
CA LEU A 25 12.47 -5.56 7.49
C LEU A 25 13.47 -5.18 8.58
N PRO A 26 13.08 -4.52 9.71
CA PRO A 26 14.07 -4.23 10.76
C PRO A 26 14.73 -5.47 11.35
N ALA A 27 13.97 -6.59 11.45
CA ALA A 27 14.54 -7.83 12.02
C ALA A 27 15.60 -8.41 11.08
N PHE A 28 15.36 -8.37 9.75
CA PHE A 28 16.36 -8.81 8.75
C PHE A 28 17.61 -7.91 8.74
N TYR A 29 17.42 -6.57 8.73
CA TYR A 29 18.54 -5.61 8.77
C TYR A 29 19.39 -5.86 10.02
N GLU A 30 18.75 -6.17 11.17
CA GLU A 30 19.49 -6.41 12.40
C GLU A 30 20.27 -7.72 12.33
N GLN A 31 19.78 -8.68 11.56
CA GLN A 31 20.45 -9.95 11.40
C GLN A 31 21.54 -9.92 10.35
N GLY A 32 21.65 -8.80 9.65
CA GLY A 32 22.64 -8.60 8.59
C GLY A 32 22.20 -9.02 7.20
N TYR A 33 20.90 -9.16 6.96
CA TYR A 33 20.38 -9.56 5.63
C TYR A 33 19.76 -8.39 4.95
N ASP A 34 19.99 -8.24 3.65
CA ASP A 34 19.33 -7.17 2.93
C ASP A 34 18.06 -7.75 2.29
N PRO A 35 16.86 -7.24 2.65
CA PRO A 35 15.62 -7.83 2.09
C PRO A 35 15.22 -7.29 0.71
N ILE A 36 14.74 -8.21 -0.14
CA ILE A 36 14.17 -7.93 -1.46
C ILE A 36 12.73 -8.48 -1.48
N MET A 37 11.84 -7.84 -2.25
CA MET A 37 10.42 -8.18 -2.36
C MET A 37 10.13 -8.64 -3.76
N MET A 38 9.19 -9.55 -3.88
CA MET A 38 8.63 -10.02 -5.14
C MET A 38 7.14 -10.17 -4.92
N GLU A 39 6.37 -10.18 -6.00
CA GLU A 39 4.91 -10.28 -5.95
C GLU A 39 4.44 -11.51 -6.74
N SER A 40 3.54 -12.33 -6.16
CA SER A 40 3.03 -13.56 -6.80
C SER A 40 1.69 -13.37 -7.51
N GLN A 41 0.83 -12.45 -6.99
CA GLN A 41 -0.53 -12.19 -7.51
C GLN A 41 -1.33 -13.49 -7.56
N PHE A 42 -1.13 -14.39 -6.56
CA PHE A 42 -1.84 -15.68 -6.41
C PHE A 42 -1.56 -16.67 -7.53
N SER A 43 -0.46 -16.49 -8.26
CA SER A 43 -0.08 -17.38 -9.34
C SER A 43 1.01 -18.36 -8.87
N PRO A 44 0.68 -19.67 -8.80
CA PRO A 44 1.72 -20.67 -8.45
C PRO A 44 2.84 -20.74 -9.51
N GLN A 45 2.52 -20.44 -10.80
CA GLN A 45 3.49 -20.47 -11.90
C GLN A 45 4.55 -19.37 -11.72
N LEU A 46 4.10 -18.18 -11.33
CA LEU A 46 4.94 -17.01 -11.07
C LEU A 46 5.83 -17.27 -9.86
N VAL A 47 5.27 -17.94 -8.81
CA VAL A 47 6.03 -18.33 -7.64
C VAL A 47 7.17 -19.29 -8.04
N ALA A 48 6.85 -20.31 -8.86
CA ALA A 48 7.82 -21.30 -9.37
C ALA A 48 8.96 -20.54 -10.11
N GLU A 49 8.61 -19.54 -10.92
CA GLU A 49 9.61 -18.70 -11.59
C GLU A 49 10.49 -17.91 -10.62
N HIS A 50 9.88 -17.19 -9.64
CA HIS A 50 10.61 -16.39 -8.66
C HIS A 50 11.61 -17.26 -7.94
N LEU A 51 11.15 -18.43 -7.44
CA LEU A 51 11.95 -19.39 -6.67
C LEU A 51 13.20 -19.85 -7.41
N GLY A 52 13.08 -20.09 -8.71
CA GLY A 52 14.19 -20.51 -9.55
C GLY A 52 15.22 -19.40 -9.71
N VAL A 53 14.72 -18.16 -9.95
CA VAL A 53 15.55 -16.95 -10.09
C VAL A 53 16.35 -16.74 -8.78
N LEU A 54 15.67 -16.87 -7.63
CA LEU A 54 16.24 -16.73 -6.30
C LEU A 54 17.29 -17.79 -6.03
N LYS A 55 17.01 -19.07 -6.41
CA LYS A 55 17.94 -20.19 -6.23
C LYS A 55 19.25 -19.96 -7.01
N ARG A 56 19.12 -19.57 -8.28
CA ARG A 56 20.27 -19.36 -9.16
C ARG A 56 21.09 -18.13 -8.76
N ARG A 57 20.51 -17.22 -7.97
CA ARG A 57 21.20 -16.05 -7.46
C ARG A 57 21.69 -16.28 -6.04
N ASN A 58 21.57 -17.53 -5.54
CA ASN A 58 21.98 -18.00 -4.21
C ASN A 58 21.44 -17.18 -3.04
N ILE A 59 20.16 -16.84 -3.09
CA ILE A 59 19.47 -16.12 -2.00
C ILE A 59 19.40 -17.04 -0.78
N ASP A 60 19.66 -16.48 0.41
CA ASP A 60 19.77 -17.23 1.65
C ASP A 60 18.47 -17.82 2.14
N GLY A 61 17.38 -17.08 2.02
CA GLY A 61 16.11 -17.56 2.53
C GLY A 61 14.96 -16.83 1.92
N VAL A 62 13.77 -17.42 2.06
CA VAL A 62 12.54 -16.90 1.50
C VAL A 62 11.42 -16.90 2.52
N VAL A 63 10.66 -15.79 2.57
CA VAL A 63 9.40 -15.70 3.31
C VAL A 63 8.34 -15.66 2.21
N LEU A 64 7.53 -16.71 2.12
CA LEU A 64 6.48 -16.84 1.12
C LEU A 64 5.08 -16.69 1.71
N PHE A 65 4.34 -15.67 1.26
CA PHE A 65 2.93 -15.47 1.66
C PHE A 65 2.13 -16.52 0.89
N GLY A 66 1.66 -17.53 1.62
CA GLY A 66 0.96 -18.66 1.03
C GLY A 66 -0.45 -18.37 0.54
N PHE A 67 -0.93 -19.19 -0.37
CA PHE A 67 -2.27 -19.09 -0.95
C PHE A 67 -2.58 -20.46 -1.60
N THR A 68 -3.82 -20.67 -2.06
CA THR A 68 -4.24 -21.92 -2.68
C THR A 68 -3.56 -22.12 -4.04
N GLY A 69 -2.96 -23.28 -4.24
CA GLY A 69 -2.26 -23.59 -5.48
C GLY A 69 -0.78 -23.87 -5.28
N ILE A 70 -0.23 -23.45 -4.14
CA ILE A 70 1.16 -23.74 -3.80
C ILE A 70 1.21 -25.21 -3.37
N THR A 71 2.06 -26.01 -4.03
CA THR A 71 2.22 -27.43 -3.72
C THR A 71 3.56 -27.63 -3.00
N GLU A 72 3.69 -28.76 -2.29
CA GLU A 72 4.91 -29.10 -1.55
C GLU A 72 6.05 -29.38 -2.52
N GLU A 73 5.72 -29.90 -3.71
CA GLU A 73 6.67 -30.22 -4.77
C GLU A 73 7.39 -29.00 -5.32
N MET A 74 6.69 -27.85 -5.42
CA MET A 74 7.35 -26.65 -5.92
C MET A 74 8.19 -25.97 -4.83
N LEU A 75 8.00 -26.36 -3.56
CA LEU A 75 8.78 -25.81 -2.46
C LEU A 75 9.96 -26.71 -2.09
N ALA A 76 10.09 -27.85 -2.79
CA ALA A 76 11.08 -28.91 -2.54
C ALA A 76 12.53 -28.43 -2.46
N HIS A 77 12.95 -27.52 -3.34
CA HIS A 77 14.34 -27.03 -3.31
C HIS A 77 14.61 -25.95 -2.24
N TRP A 78 13.66 -25.76 -1.29
CA TRP A 78 13.71 -24.71 -0.25
C TRP A 78 13.26 -25.17 1.16
N GLN A 79 13.07 -26.50 1.40
CA GLN A 79 12.56 -27.08 2.65
C GLN A 79 13.13 -26.47 3.95
N SER A 80 14.44 -26.20 3.99
CA SER A 80 15.11 -25.65 5.18
C SER A 80 15.38 -24.12 5.16
N SER A 81 15.13 -23.46 4.03
CA SER A 81 15.42 -22.04 3.93
C SER A 81 14.21 -21.23 3.47
N LEU A 82 13.01 -21.70 3.86
CA LEU A 82 11.74 -21.07 3.51
C LEU A 82 10.78 -21.12 4.69
N VAL A 83 10.05 -20.00 4.91
CA VAL A 83 9.00 -19.86 5.90
C VAL A 83 7.73 -19.40 5.17
N LEU A 84 6.64 -20.14 5.39
CA LEU A 84 5.32 -19.80 4.86
C LEU A 84 4.60 -18.90 5.81
N LEU A 85 3.91 -17.93 5.25
CA LEU A 85 3.09 -17.05 6.03
C LEU A 85 1.65 -17.19 5.58
N ALA A 86 0.72 -17.38 6.55
CA ALA A 86 -0.75 -17.45 6.39
C ALA A 86 -1.27 -18.82 5.99
N ARG A 87 -0.40 -19.71 5.49
CA ARG A 87 -0.76 -21.09 5.17
C ARG A 87 0.36 -21.99 5.68
N ASP A 88 0.03 -23.25 5.92
CA ASP A 88 0.98 -24.27 6.36
C ASP A 88 1.11 -25.37 5.28
N ALA A 89 2.19 -26.14 5.34
CA ALA A 89 2.51 -27.25 4.44
C ALA A 89 3.40 -28.17 5.26
N LYS A 90 3.11 -29.49 5.23
CA LYS A 90 3.83 -30.51 5.99
C LYS A 90 5.33 -30.47 5.71
N GLY A 91 6.12 -30.35 6.78
CA GLY A 91 7.56 -30.29 6.70
C GLY A 91 8.13 -28.90 6.53
N PHE A 92 7.25 -27.88 6.51
CA PHE A 92 7.63 -26.48 6.35
C PHE A 92 7.38 -25.65 7.58
N ALA A 93 8.28 -24.69 7.81
CA ALA A 93 8.09 -23.74 8.89
C ALA A 93 6.95 -22.79 8.42
N SER A 94 6.03 -22.47 9.33
CA SER A 94 4.94 -21.57 9.01
C SER A 94 4.54 -20.69 10.16
N VAL A 95 4.04 -19.50 9.81
CA VAL A 95 3.46 -18.52 10.72
C VAL A 95 2.04 -18.26 10.21
N CYS A 96 1.05 -18.74 10.97
CA CYS A 96 -0.36 -18.62 10.64
C CYS A 96 -1.16 -17.78 11.63
N TYR A 97 -2.30 -17.29 11.15
CA TYR A 97 -3.24 -16.52 11.94
C TYR A 97 -4.38 -17.42 12.43
N ASP A 98 -5.05 -16.97 13.49
CA ASP A 98 -6.17 -17.66 14.07
C ASP A 98 -7.48 -17.03 13.56
N ASP A 99 -7.90 -17.43 12.35
CA ASP A 99 -9.12 -16.95 11.66
C ASP A 99 -10.41 -17.24 12.43
N GLU A 100 -10.55 -18.46 12.96
CA GLU A 100 -11.70 -18.86 13.75
C GLU A 100 -11.78 -18.04 15.03
N GLY A 101 -10.64 -17.93 15.73
CA GLY A 101 -10.52 -17.18 16.98
C GLY A 101 -10.84 -15.71 16.82
N ALA A 102 -10.41 -15.12 15.70
CA ALA A 102 -10.64 -13.71 15.35
C ALA A 102 -12.15 -13.42 15.21
N ILE A 103 -12.89 -14.34 14.52
CA ILE A 103 -14.32 -14.20 14.30
C ILE A 103 -15.09 -14.42 15.60
N LYS A 104 -14.74 -15.49 16.39
CA LYS A 104 -15.40 -15.80 17.67
C LYS A 104 -15.30 -14.62 18.66
N ILE A 105 -14.10 -14.03 18.81
CA ILE A 105 -13.83 -12.85 19.64
C ILE A 105 -14.75 -11.67 19.21
N LEU A 106 -14.80 -11.36 17.89
CA LEU A 106 -15.63 -10.28 17.37
C LEU A 106 -17.14 -10.52 17.59
N MET A 107 -17.61 -11.74 17.28
CA MET A 107 -19.01 -12.11 17.48
C MET A 107 -19.39 -12.03 18.98
N GLN A 108 -18.49 -12.47 19.90
CA GLN A 108 -18.77 -12.38 21.34
C GLN A 108 -18.95 -10.93 21.78
N ARG A 109 -18.09 -10.01 21.28
CA ARG A 109 -18.13 -8.58 21.60
C ARG A 109 -19.47 -7.97 21.15
N LEU A 110 -19.85 -8.25 19.88
CA LEU A 110 -21.11 -7.79 19.31
C LEU A 110 -22.30 -8.34 20.06
N TYR A 111 -22.23 -9.64 20.44
CA TYR A 111 -23.28 -10.34 21.22
C TYR A 111 -23.39 -9.76 22.64
N ASP A 112 -22.25 -9.49 23.31
CA ASP A 112 -22.20 -8.92 24.66
C ASP A 112 -22.77 -7.49 24.64
N GLN A 113 -22.57 -6.77 23.51
CA GLN A 113 -23.08 -5.42 23.28
C GLN A 113 -24.61 -5.40 23.06
N GLY A 114 -25.23 -6.58 22.94
CA GLY A 114 -26.67 -6.74 22.79
C GLY A 114 -27.16 -7.08 21.40
N HIS A 115 -26.24 -7.16 20.41
CA HIS A 115 -26.59 -7.47 19.02
C HIS A 115 -27.00 -8.92 18.85
N ARG A 116 -28.13 -9.14 18.14
CA ARG A 116 -28.68 -10.48 17.86
C ARG A 116 -28.86 -10.71 16.34
N ASN A 117 -29.04 -9.62 15.56
CA ASN A 117 -29.13 -9.70 14.11
C ASN A 117 -27.85 -9.13 13.50
N ILE A 118 -26.85 -10.02 13.36
CA ILE A 118 -25.53 -9.71 12.82
C ILE A 118 -25.38 -10.31 11.43
N SER A 119 -25.18 -9.45 10.42
CA SER A 119 -24.95 -9.92 9.06
C SER A 119 -23.45 -10.06 8.82
N TYR A 120 -23.09 -10.82 7.76
CA TYR A 120 -21.71 -11.11 7.40
C TYR A 120 -21.41 -10.78 5.94
N LEU A 121 -20.28 -10.14 5.69
CA LEU A 121 -19.79 -9.78 4.36
C LEU A 121 -18.36 -10.36 4.26
N GLY A 122 -18.22 -11.41 3.47
CA GLY A 122 -16.97 -12.16 3.36
C GLY A 122 -16.45 -12.41 1.97
N VAL A 123 -15.64 -13.49 1.85
CA VAL A 123 -14.98 -13.85 0.59
C VAL A 123 -15.26 -15.35 0.28
N PRO A 124 -15.30 -15.79 -1.01
CA PRO A 124 -15.64 -17.21 -1.30
C PRO A 124 -14.77 -18.27 -0.62
N HIS A 125 -15.35 -19.44 -0.39
CA HIS A 125 -14.73 -20.59 0.29
C HIS A 125 -13.46 -21.15 -0.38
N SER A 126 -13.22 -20.80 -1.66
CA SER A 126 -12.02 -21.20 -2.41
C SER A 126 -10.80 -20.54 -1.75
N ASP A 127 -10.99 -19.35 -1.13
CA ASP A 127 -9.97 -18.70 -0.31
C ASP A 127 -10.15 -19.34 1.09
N VAL A 128 -9.31 -20.35 1.38
CA VAL A 128 -9.38 -21.22 2.56
C VAL A 128 -9.45 -20.45 3.91
N THR A 129 -8.54 -19.49 4.11
CA THR A 129 -8.46 -18.80 5.40
C THR A 129 -9.43 -17.63 5.53
N THR A 130 -9.28 -16.59 4.70
CA THR A 130 -10.12 -15.37 4.72
C THR A 130 -11.57 -15.68 4.36
N GLY A 131 -11.76 -16.67 3.48
CA GLY A 131 -13.07 -17.06 2.99
C GLY A 131 -13.75 -18.11 3.81
N LYS A 132 -13.30 -19.37 3.67
CA LYS A 132 -13.90 -20.53 4.33
C LYS A 132 -13.87 -20.46 5.86
N ARG A 133 -12.67 -20.37 6.48
CA ARG A 133 -12.51 -20.41 7.94
C ARG A 133 -13.24 -19.25 8.65
N ARG A 134 -13.15 -18.04 8.08
CA ARG A 134 -13.85 -16.89 8.66
C ARG A 134 -15.38 -17.03 8.60
N HIS A 135 -15.92 -17.41 7.44
CA HIS A 135 -17.36 -17.59 7.25
C HIS A 135 -17.93 -18.72 8.10
N GLU A 136 -17.22 -19.85 8.16
CA GLU A 136 -17.65 -21.00 8.97
C GLU A 136 -17.64 -20.69 10.45
N ALA A 137 -16.71 -19.84 10.90
CA ALA A 137 -16.62 -19.44 12.32
C ALA A 137 -17.83 -18.59 12.69
N TYR A 138 -18.26 -17.73 11.74
CA TYR A 138 -19.45 -16.90 11.87
C TYR A 138 -20.70 -17.79 11.98
N LEU A 139 -20.78 -18.85 11.14
CA LEU A 139 -21.89 -19.80 11.13
C LEU A 139 -21.94 -20.60 12.43
N ALA A 140 -20.79 -21.05 12.91
CA ALA A 140 -20.72 -21.82 14.16
C ALA A 140 -21.21 -20.99 15.35
N PHE A 141 -20.86 -19.69 15.36
CA PHE A 141 -21.31 -18.76 16.41
C PHE A 141 -22.84 -18.57 16.39
N CYS A 142 -23.40 -18.36 15.17
CA CYS A 142 -24.85 -18.18 14.98
C CYS A 142 -25.63 -19.40 15.45
N LYS A 143 -25.11 -20.62 15.13
CA LYS A 143 -25.67 -21.92 15.48
C LYS A 143 -25.73 -22.08 17.00
N ALA A 144 -24.60 -21.81 17.68
CA ALA A 144 -24.43 -21.94 19.14
C ALA A 144 -25.28 -20.94 19.95
N HIS A 145 -25.68 -19.81 19.34
CA HIS A 145 -26.43 -18.74 19.99
C HIS A 145 -27.82 -18.50 19.38
N LYS A 146 -28.31 -19.48 18.58
CA LYS A 146 -29.64 -19.48 17.93
C LYS A 146 -29.97 -18.17 17.15
N LEU A 147 -28.94 -17.63 16.44
CA LEU A 147 -29.06 -16.40 15.64
C LEU A 147 -29.31 -16.75 14.17
N HIS A 148 -30.02 -15.86 13.44
CA HIS A 148 -30.30 -16.11 12.02
C HIS A 148 -29.14 -15.57 11.14
N PRO A 149 -28.43 -16.46 10.41
CA PRO A 149 -27.31 -15.99 9.57
C PRO A 149 -27.76 -15.34 8.28
N VAL A 150 -27.14 -14.21 7.93
CA VAL A 150 -27.37 -13.44 6.71
C VAL A 150 -25.97 -13.11 6.19
N ALA A 151 -25.57 -13.74 5.07
CA ALA A 151 -24.22 -13.54 4.53
C ALA A 151 -24.15 -13.42 3.01
N ALA A 152 -23.10 -12.73 2.54
CA ALA A 152 -22.75 -12.58 1.12
C ALA A 152 -21.22 -12.65 1.11
N LEU A 153 -20.68 -13.40 0.13
CA LEU A 153 -19.25 -13.66 0.00
C LEU A 153 -18.72 -13.13 -1.36
N PRO A 154 -18.68 -11.78 -1.57
CA PRO A 154 -18.24 -11.27 -2.89
C PRO A 154 -16.77 -11.42 -3.24
N GLY A 155 -15.87 -11.20 -2.27
CA GLY A 155 -14.44 -11.26 -2.51
C GLY A 155 -13.67 -10.23 -1.72
N LEU A 156 -12.41 -9.99 -2.10
CA LEU A 156 -11.46 -9.14 -1.35
C LEU A 156 -11.54 -7.64 -1.58
N ALA A 157 -11.94 -7.21 -2.79
CA ALA A 157 -11.94 -5.82 -3.18
C ALA A 157 -12.96 -4.96 -2.46
N MET A 158 -12.56 -3.72 -2.15
CA MET A 158 -13.33 -2.65 -1.52
C MET A 158 -14.63 -2.38 -2.28
N LYS A 159 -14.56 -2.37 -3.63
CA LYS A 159 -15.72 -2.15 -4.52
C LYS A 159 -16.75 -3.29 -4.38
N GLN A 160 -16.26 -4.53 -4.10
CA GLN A 160 -17.12 -5.70 -3.89
C GLN A 160 -17.93 -5.55 -2.61
N GLY A 161 -17.32 -4.96 -1.59
CA GLY A 161 -17.98 -4.66 -0.32
C GLY A 161 -19.09 -3.63 -0.50
N TYR A 162 -18.78 -2.59 -1.26
CA TYR A 162 -19.70 -1.50 -1.60
C TYR A 162 -20.93 -1.99 -2.39
N GLU A 163 -20.69 -2.84 -3.42
CA GLU A 163 -21.73 -3.39 -4.30
C GLU A 163 -22.60 -4.48 -3.67
N ASN A 164 -22.14 -5.16 -2.61
CA ASN A 164 -22.90 -6.29 -2.07
C ASN A 164 -23.43 -6.12 -0.64
N VAL A 165 -23.12 -5.00 0.06
CA VAL A 165 -23.60 -4.73 1.43
C VAL A 165 -25.15 -4.70 1.50
N ALA A 166 -25.81 -4.04 0.52
CA ALA A 166 -27.29 -3.92 0.48
C ALA A 166 -28.03 -5.25 0.61
N LYS A 167 -27.44 -6.33 0.02
CA LYS A 167 -27.94 -7.71 -0.02
C LYS A 167 -28.09 -8.34 1.38
N VAL A 168 -27.24 -7.94 2.34
CA VAL A 168 -27.23 -8.51 3.69
C VAL A 168 -27.87 -7.59 4.74
N ILE A 169 -28.41 -6.42 4.34
CA ILE A 169 -29.07 -5.55 5.33
C ILE A 169 -30.55 -5.83 5.30
N THR A 170 -31.08 -6.24 6.46
CA THR A 170 -32.51 -6.52 6.65
C THR A 170 -33.06 -5.45 7.62
N PRO A 171 -34.39 -5.29 7.77
CA PRO A 171 -34.90 -4.26 8.71
C PRO A 171 -34.52 -4.52 10.18
N GLU A 172 -34.28 -5.81 10.53
CA GLU A 172 -33.90 -6.23 11.87
C GLU A 172 -32.37 -6.14 12.13
N THR A 173 -31.53 -6.14 11.06
CA THR A 173 -30.05 -6.10 11.12
C THR A 173 -29.57 -4.89 11.92
N THR A 174 -28.75 -5.15 12.95
CA THR A 174 -28.17 -4.10 13.81
C THR A 174 -26.65 -4.02 13.71
N ALA A 175 -26.02 -5.10 13.22
CA ALA A 175 -24.57 -5.19 13.09
C ALA A 175 -24.16 -5.90 11.83
N LEU A 176 -22.98 -5.56 11.32
CA LEU A 176 -22.37 -6.13 10.14
C LEU A 176 -20.91 -6.47 10.41
N LEU A 177 -20.57 -7.76 10.35
CA LEU A 177 -19.21 -8.26 10.49
C LEU A 177 -18.63 -8.40 9.10
N CYS A 178 -17.53 -7.69 8.84
CA CYS A 178 -16.82 -7.78 7.56
C CYS A 178 -15.55 -8.60 7.79
N ALA A 179 -15.32 -9.58 6.91
CA ALA A 179 -14.16 -10.48 6.94
C ALA A 179 -12.83 -9.73 6.90
N THR A 180 -12.80 -8.51 6.32
CA THR A 180 -11.58 -7.70 6.20
C THR A 180 -11.92 -6.22 6.37
N ASP A 181 -10.93 -5.41 6.82
CA ASP A 181 -11.04 -3.95 6.92
C ASP A 181 -11.44 -3.33 5.57
N THR A 182 -10.85 -3.81 4.46
CA THR A 182 -11.12 -3.33 3.09
C THR A 182 -12.60 -3.44 2.74
N LEU A 183 -13.22 -4.57 3.13
CA LEU A 183 -14.63 -4.81 2.89
C LEU A 183 -15.48 -3.84 3.72
N ALA A 184 -15.06 -3.58 4.98
CA ALA A 184 -15.75 -2.64 5.87
C ALA A 184 -15.67 -1.22 5.34
N LEU A 185 -14.55 -0.85 4.72
CA LEU A 185 -14.36 0.47 4.11
C LEU A 185 -15.33 0.69 2.95
N GLY A 186 -15.48 -0.34 2.11
CA GLY A 186 -16.42 -0.33 1.00
C GLY A 186 -17.87 -0.31 1.46
N ALA A 187 -18.21 -1.16 2.44
CA ALA A 187 -19.57 -1.21 3.00
C ALA A 187 -19.94 0.15 3.62
N SER A 188 -18.99 0.76 4.35
CA SER A 188 -19.14 2.05 5.03
C SER A 188 -19.50 3.19 4.04
N LYS A 189 -18.91 3.19 2.83
CA LYS A 189 -19.19 4.17 1.79
C LYS A 189 -20.67 4.10 1.38
N TYR A 190 -21.20 2.87 1.19
CA TYR A 190 -22.60 2.66 0.84
C TYR A 190 -23.53 3.17 1.96
N LEU A 191 -23.25 2.81 3.22
CA LEU A 191 -24.05 3.23 4.37
C LEU A 191 -24.09 4.74 4.56
N GLN A 192 -22.95 5.43 4.29
CA GLN A 192 -22.81 6.88 4.35
C GLN A 192 -23.73 7.50 3.28
N GLU A 193 -23.68 6.98 2.04
CA GLU A 193 -24.49 7.41 0.90
C GLU A 193 -25.99 7.28 1.17
N GLN A 194 -26.41 6.13 1.71
CA GLN A 194 -27.81 5.83 2.02
C GLN A 194 -28.28 6.42 3.34
N ARG A 195 -27.37 7.14 4.03
CA ARG A 195 -27.59 7.79 5.33
C ARG A 195 -28.03 6.79 6.44
N ILE A 196 -27.47 5.55 6.43
CA ILE A 196 -27.71 4.49 7.42
C ILE A 196 -26.65 4.67 8.53
N ASP A 197 -27.06 5.19 9.70
CA ASP A 197 -26.18 5.49 10.85
C ASP A 197 -26.35 4.53 12.01
N THR A 198 -27.44 3.75 12.00
CA THR A 198 -27.87 2.80 13.04
C THR A 198 -27.04 1.50 13.15
N LEU A 199 -26.29 1.12 12.10
CA LEU A 199 -25.53 -0.14 12.07
C LEU A 199 -24.17 -0.12 12.76
N GLN A 200 -23.88 -1.18 13.55
CA GLN A 200 -22.57 -1.33 14.18
C GLN A 200 -21.69 -2.19 13.27
N LEU A 201 -20.60 -1.61 12.74
CA LEU A 201 -19.70 -2.37 11.89
C LEU A 201 -18.55 -2.95 12.67
N ALA A 202 -18.10 -4.11 12.23
CA ALA A 202 -17.00 -4.86 12.81
C ALA A 202 -16.17 -5.42 11.66
N SER A 203 -14.84 -5.52 11.82
CA SER A 203 -13.93 -6.07 10.80
C SER A 203 -12.68 -6.70 11.38
N VAL A 204 -12.01 -7.52 10.57
CA VAL A 204 -10.77 -8.19 10.93
C VAL A 204 -9.63 -7.44 10.23
N GLY A 205 -8.68 -6.96 11.02
CA GLY A 205 -7.52 -6.28 10.46
C GLY A 205 -6.84 -5.35 11.43
N ASN A 206 -7.62 -4.38 11.97
CA ASN A 206 -7.10 -3.35 12.85
C ASN A 206 -5.96 -2.54 12.13
N THR A 207 -6.12 -2.34 10.82
CA THR A 207 -5.16 -1.59 9.99
C THR A 207 -5.20 -0.10 10.40
N PRO A 208 -4.07 0.62 10.27
CA PRO A 208 -4.06 2.06 10.67
C PRO A 208 -5.08 2.93 9.90
N LEU A 209 -5.31 2.63 8.62
CA LEU A 209 -6.27 3.32 7.76
C LEU A 209 -7.70 3.22 8.31
N MET A 210 -8.10 2.01 8.71
CA MET A 210 -9.38 1.71 9.35
C MET A 210 -9.48 2.48 10.68
N LYS A 211 -8.46 2.36 11.56
CA LYS A 211 -8.43 3.02 12.86
C LYS A 211 -8.59 4.53 12.74
N PHE A 212 -7.92 5.15 11.75
CA PHE A 212 -7.97 6.59 11.51
C PHE A 212 -9.31 7.04 10.93
N LEU A 213 -9.80 6.36 9.87
CA LEU A 213 -11.04 6.75 9.21
C LEU A 213 -12.30 6.40 9.96
N HIS A 214 -12.32 5.21 10.60
CA HIS A 214 -13.48 4.71 11.32
C HIS A 214 -13.13 4.21 12.72
N PRO A 215 -12.90 5.15 13.68
CA PRO A 215 -12.62 4.73 15.06
C PRO A 215 -13.79 3.96 15.70
N GLU A 216 -15.02 4.18 15.21
CA GLU A 216 -16.25 3.56 15.69
C GLU A 216 -16.41 2.08 15.26
N ILE A 217 -15.67 1.61 14.21
CA ILE A 217 -15.75 0.18 13.78
C ILE A 217 -15.02 -0.66 14.86
N VAL A 218 -15.62 -1.78 15.29
CA VAL A 218 -14.98 -2.71 16.23
C VAL A 218 -14.03 -3.59 15.39
N THR A 219 -12.74 -3.59 15.71
CA THR A 219 -11.78 -4.39 14.94
C THR A 219 -11.08 -5.44 15.77
N VAL A 220 -10.62 -6.48 15.09
CA VAL A 220 -9.86 -7.53 15.74
C VAL A 220 -8.50 -7.57 15.05
N ASP A 221 -7.43 -7.57 15.86
CA ASP A 221 -6.08 -7.59 15.34
C ASP A 221 -5.59 -9.05 15.17
N PRO A 222 -5.39 -9.51 13.90
CA PRO A 222 -4.88 -10.89 13.68
C PRO A 222 -3.41 -11.06 14.10
N GLY A 223 -2.71 -9.94 14.32
CA GLY A 223 -1.32 -9.91 14.76
C GLY A 223 -0.31 -9.90 13.63
N TYR A 224 -0.57 -9.10 12.57
CA TYR A 224 0.32 -8.96 11.39
C TYR A 224 1.74 -8.55 11.80
N ALA A 225 1.85 -7.58 12.74
CA ALA A 225 3.12 -7.09 13.28
C ALA A 225 3.89 -8.22 13.94
N GLU A 226 3.23 -8.99 14.83
CA GLU A 226 3.84 -10.12 15.50
C GLU A 226 4.26 -11.20 14.51
N ALA A 227 3.37 -11.53 13.54
CA ALA A 227 3.60 -12.53 12.50
C ALA A 227 4.88 -12.23 11.70
N GLY A 228 5.04 -10.96 11.32
CA GLY A 228 6.24 -10.48 10.63
C GLY A 228 7.52 -10.74 11.39
N ARG A 229 7.56 -10.38 12.69
CA ARG A 229 8.71 -10.56 13.59
C ARG A 229 9.06 -12.05 13.73
N GLN A 230 8.03 -12.90 13.96
CA GLN A 230 8.16 -14.34 14.09
C GLN A 230 8.70 -15.01 12.84
N ALA A 231 8.19 -14.62 11.67
CA ALA A 231 8.58 -15.22 10.39
C ALA A 231 10.05 -14.91 10.12
N ALA A 232 10.48 -13.65 10.39
CA ALA A 232 11.86 -13.20 10.19
C ALA A 232 12.82 -13.96 11.10
N CYS A 233 12.43 -14.15 12.36
CA CYS A 233 13.21 -14.86 13.35
C CYS A 233 13.24 -16.35 13.12
N GLN A 234 12.11 -16.99 12.77
CA GLN A 234 12.10 -18.40 12.43
C GLN A 234 13.00 -18.65 11.19
N LEU A 235 12.91 -17.80 10.14
CA LEU A 235 13.76 -17.91 8.95
C LEU A 235 15.27 -17.86 9.28
N ILE A 236 15.73 -16.85 10.01
CA ILE A 236 17.16 -16.69 10.34
C ILE A 236 17.63 -17.85 11.21
N ALA A 237 16.77 -18.28 12.14
CA ALA A 237 17.05 -19.42 13.02
C ALA A 237 17.30 -20.71 12.21
N GLN A 238 16.47 -21.01 11.21
CA GLN A 238 16.72 -22.24 10.47
C GLN A 238 17.85 -22.12 9.43
N VAL A 239 18.06 -20.95 8.79
CA VAL A 239 19.16 -20.80 7.82
C VAL A 239 20.54 -20.84 8.52
N THR A 240 20.59 -20.51 9.82
CA THR A 240 21.86 -20.53 10.59
C THR A 240 22.01 -21.82 11.40
N GLY A 241 21.06 -22.74 11.27
CA GLY A 241 21.05 -24.03 11.96
C GLY A 241 20.67 -23.97 13.43
N ARG A 242 20.23 -22.80 13.95
CA ARG A 242 19.84 -22.65 15.35
C ARG A 242 18.49 -23.34 15.65
N SER A 243 17.64 -23.54 14.61
CA SER A 243 16.32 -24.17 14.77
C SER A 243 15.90 -25.05 13.59
N GLU A 244 14.99 -25.99 13.91
CA GLU A 244 14.32 -26.90 12.99
C GLU A 244 12.99 -26.20 12.62
N PRO A 245 12.27 -26.56 11.52
CA PRO A 245 11.01 -25.87 11.22
C PRO A 245 9.93 -26.03 12.29
N GLN A 246 9.25 -24.93 12.61
CA GLN A 246 8.15 -24.83 13.56
C GLN A 246 6.91 -24.31 12.86
N GLN A 247 5.74 -24.58 13.43
CA GLN A 247 4.45 -24.11 12.95
C GLN A 247 3.88 -23.25 14.08
N ILE A 248 3.85 -21.94 13.85
CA ILE A 248 3.42 -20.96 14.84
C ILE A 248 2.04 -20.43 14.46
N ILE A 249 1.18 -20.26 15.46
CA ILE A 249 -0.14 -19.66 15.30
C ILE A 249 -0.13 -18.41 16.16
N ILE A 250 -0.40 -17.24 15.56
CA ILE A 250 -0.44 -15.96 16.26
C ILE A 250 -1.85 -15.79 16.84
N PRO A 251 -2.00 -15.54 18.15
CA PRO A 251 -3.35 -15.33 18.68
C PRO A 251 -3.92 -13.99 18.24
N ALA A 252 -5.25 -13.95 18.03
CA ALA A 252 -6.00 -12.75 17.66
C ALA A 252 -6.31 -12.00 18.96
N THR A 253 -6.35 -10.67 18.94
CA THR A 253 -6.65 -9.85 20.13
C THR A 253 -7.62 -8.76 19.74
N LEU A 254 -8.46 -8.37 20.66
CA LEU A 254 -9.47 -7.34 20.43
C LEU A 254 -8.92 -5.95 20.75
N SER A 255 -9.40 -4.95 19.98
CA SER A 255 -9.07 -3.51 19.98
C SER A 255 -7.85 -3.20 19.14
N SER B 1 22.43 -15.33 -15.33
CA SER B 1 21.81 -15.69 -16.61
C SER B 1 20.33 -15.27 -16.73
N ASP B 2 19.57 -15.29 -15.60
CA ASP B 2 18.18 -14.85 -15.54
C ASP B 2 18.20 -13.32 -15.60
N LYS B 3 17.33 -12.69 -16.38
CA LYS B 3 17.23 -11.24 -16.50
C LYS B 3 16.44 -10.72 -15.32
N VAL B 4 17.03 -9.82 -14.54
CA VAL B 4 16.42 -9.26 -13.34
C VAL B 4 16.64 -7.74 -13.33
N VAL B 5 15.59 -7.00 -12.99
CA VAL B 5 15.61 -5.55 -12.77
C VAL B 5 15.15 -5.28 -11.33
N ALA B 6 15.72 -4.25 -10.70
CA ALA B 6 15.31 -3.89 -9.35
C ALA B 6 14.58 -2.54 -9.36
N ILE B 7 13.52 -2.44 -8.53
CA ILE B 7 12.75 -1.21 -8.36
C ILE B 7 12.94 -0.80 -6.92
N ILE B 8 13.60 0.35 -6.70
CA ILE B 8 13.86 0.84 -5.34
C ILE B 8 12.88 1.97 -5.00
N VAL B 9 11.79 1.62 -4.33
CA VAL B 9 10.77 2.61 -3.89
C VAL B 9 11.30 3.26 -2.58
N THR B 10 10.72 4.41 -2.17
CA THR B 10 11.11 5.01 -0.87
C THR B 10 10.29 4.31 0.22
N ARG B 11 8.97 4.11 -0.04
CA ARG B 11 8.05 3.50 0.94
C ARG B 11 7.20 2.45 0.26
N LEU B 12 7.19 1.21 0.83
CA LEU B 12 6.37 0.11 0.30
C LEU B 12 4.87 0.34 0.47
N ASP B 13 4.49 1.20 1.45
CA ASP B 13 3.08 1.49 1.70
C ASP B 13 2.61 2.80 1.04
N SER B 14 3.44 3.39 0.16
CA SER B 14 3.05 4.61 -0.55
C SER B 14 2.17 4.21 -1.72
N LEU B 15 0.93 4.73 -1.76
CA LEU B 15 -0.01 4.46 -2.84
C LEU B 15 0.44 5.07 -4.15
N SER B 16 0.93 6.32 -4.11
CA SER B 16 1.44 7.07 -5.27
C SER B 16 2.57 6.33 -5.96
N GLU B 17 3.51 5.75 -5.18
CA GLU B 17 4.62 4.99 -5.75
C GLU B 17 4.15 3.67 -6.31
N ASN B 18 3.27 2.97 -5.59
CA ASN B 18 2.70 1.70 -6.03
C ASN B 18 1.97 1.81 -7.37
N LEU B 19 1.34 2.97 -7.66
CA LEU B 19 0.63 3.16 -8.92
C LEU B 19 1.59 3.15 -10.11
N ALA B 20 2.82 3.67 -9.90
CA ALA B 20 3.85 3.69 -10.93
C ALA B 20 4.42 2.25 -11.09
N VAL B 21 4.63 1.56 -9.95
CA VAL B 21 5.15 0.19 -9.91
C VAL B 21 4.21 -0.78 -10.64
N GLN B 22 2.89 -0.60 -10.45
CA GLN B 22 1.84 -1.41 -11.07
C GLN B 22 1.95 -1.52 -12.59
N THR B 23 2.32 -0.43 -13.28
CA THR B 23 2.50 -0.42 -14.73
C THR B 23 3.92 -0.84 -15.14
N MET B 24 4.93 -0.73 -14.25
CA MET B 24 6.30 -1.17 -14.53
C MET B 24 6.35 -2.70 -14.67
N LEU B 25 5.70 -3.42 -13.73
CA LEU B 25 5.73 -4.86 -13.64
C LEU B 25 5.31 -5.58 -14.93
N PRO B 26 4.10 -5.34 -15.51
CA PRO B 26 3.76 -6.01 -16.79
C PRO B 26 4.72 -5.70 -17.91
N ALA B 27 5.27 -4.46 -17.97
CA ALA B 27 6.20 -4.08 -19.04
C ALA B 27 7.52 -4.87 -18.89
N PHE B 28 8.02 -5.04 -17.65
CA PHE B 28 9.23 -5.85 -17.41
C PHE B 28 9.00 -7.34 -17.72
N TYR B 29 7.87 -7.93 -17.27
CA TYR B 29 7.52 -9.33 -17.57
C TYR B 29 7.46 -9.55 -19.07
N GLU B 30 6.91 -8.58 -19.83
CA GLU B 30 6.82 -8.70 -21.28
C GLU B 30 8.20 -8.63 -21.93
N GLN B 31 9.13 -7.89 -21.31
CA GLN B 31 10.48 -7.77 -21.85
C GLN B 31 11.37 -8.94 -21.47
N GLY B 32 10.86 -9.82 -20.61
CA GLY B 32 11.57 -11.00 -20.14
C GLY B 32 12.38 -10.80 -18.88
N TYR B 33 12.11 -9.73 -18.10
CA TYR B 33 12.84 -9.46 -16.86
C TYR B 33 12.00 -9.79 -15.67
N ASP B 34 12.60 -10.41 -14.65
CA ASP B 34 11.83 -10.68 -13.45
C ASP B 34 12.09 -9.52 -12.48
N PRO B 35 11.04 -8.75 -12.08
CA PRO B 35 11.29 -7.60 -11.18
C PRO B 35 11.36 -7.95 -9.70
N ILE B 36 12.30 -7.31 -9.00
CA ILE B 36 12.47 -7.37 -7.54
C ILE B 36 12.35 -5.91 -7.00
N MET B 37 11.86 -5.77 -5.77
CA MET B 37 11.64 -4.49 -5.10
C MET B 37 12.55 -4.39 -3.91
N MET B 38 12.94 -3.16 -3.59
CA MET B 38 13.68 -2.80 -2.40
C MET B 38 13.12 -1.48 -1.93
N GLU B 39 13.32 -1.14 -0.67
CA GLU B 39 12.82 0.09 -0.06
C GLU B 39 13.99 0.92 0.50
N SER B 40 14.04 2.24 0.21
CA SER B 40 15.11 3.15 0.68
C SER B 40 14.77 3.89 1.97
N GLN B 41 13.46 4.22 2.17
CA GLN B 41 12.96 5.02 3.30
C GLN B 41 13.71 6.36 3.38
N PHE B 42 14.03 6.95 2.20
CA PHE B 42 14.72 8.25 2.07
C PHE B 42 16.14 8.28 2.62
N SER B 43 16.77 7.12 2.76
CA SER B 43 18.13 7.02 3.26
C SER B 43 19.11 6.81 2.10
N PRO B 44 19.99 7.81 1.83
CA PRO B 44 21.02 7.61 0.79
C PRO B 44 22.00 6.48 1.13
N GLN B 45 22.25 6.23 2.44
CA GLN B 45 23.17 5.18 2.91
C GLN B 45 22.61 3.79 2.55
N LEU B 46 21.30 3.59 2.77
CA LEU B 46 20.57 2.36 2.45
C LEU B 46 20.59 2.14 0.93
N VAL B 47 20.39 3.22 0.15
CA VAL B 47 20.45 3.14 -1.31
C VAL B 47 21.85 2.65 -1.77
N ALA B 48 22.93 3.25 -1.20
CA ALA B 48 24.32 2.88 -1.49
C ALA B 48 24.52 1.38 -1.20
N GLU B 49 23.97 0.88 -0.08
CA GLU B 49 24.00 -0.54 0.23
C GLU B 49 23.25 -1.41 -0.79
N HIS B 50 21.98 -1.07 -1.11
CA HIS B 50 21.17 -1.81 -2.08
C HIS B 50 21.91 -1.94 -3.40
N LEU B 51 22.43 -0.81 -3.91
CA LEU B 51 23.14 -0.71 -5.19
C LEU B 51 24.34 -1.65 -5.29
N GLY B 52 25.11 -1.78 -4.19
CA GLY B 52 26.26 -2.65 -4.11
C GLY B 52 25.85 -4.10 -4.16
N VAL B 53 24.79 -4.46 -3.39
CA VAL B 53 24.22 -5.81 -3.35
C VAL B 53 23.74 -6.21 -4.76
N LEU B 54 23.03 -5.30 -5.44
CA LEU B 54 22.52 -5.47 -6.79
C LEU B 54 23.65 -5.67 -7.79
N LYS B 55 24.73 -4.84 -7.69
CA LYS B 55 25.90 -4.93 -8.57
C LYS B 55 26.58 -6.30 -8.47
N ARG B 56 26.83 -6.74 -7.23
CA ARG B 56 27.51 -8.00 -6.97
C ARG B 56 26.65 -9.22 -7.33
N ARG B 57 25.34 -9.05 -7.49
CA ARG B 57 24.44 -10.11 -7.92
C ARG B 57 24.15 -10.00 -9.42
N ASN B 58 24.86 -9.09 -10.12
CA ASN B 58 24.77 -8.82 -11.57
C ASN B 58 23.36 -8.51 -12.08
N ILE B 59 22.63 -7.67 -11.34
CA ILE B 59 21.28 -7.22 -11.74
C ILE B 59 21.41 -6.34 -12.99
N ASP B 60 20.52 -6.55 -13.97
CA ASP B 60 20.57 -5.87 -15.27
C ASP B 60 20.31 -4.39 -15.23
N GLY B 61 19.36 -3.96 -14.42
CA GLY B 61 19.00 -2.55 -14.37
C GLY B 61 18.26 -2.19 -13.13
N VAL B 62 18.20 -0.88 -12.86
CA VAL B 62 17.57 -0.35 -11.65
C VAL B 62 16.64 0.82 -11.99
N VAL B 63 15.46 0.85 -11.36
CA VAL B 63 14.54 1.98 -11.38
C VAL B 63 14.62 2.51 -9.94
N LEU B 64 15.18 3.71 -9.77
CA LEU B 64 15.34 4.34 -8.46
C LEU B 64 14.40 5.52 -8.27
N PHE B 65 13.51 5.43 -7.28
CA PHE B 65 12.61 6.55 -6.91
C PHE B 65 13.49 7.56 -6.16
N GLY B 66 13.79 8.67 -6.83
CA GLY B 66 14.71 9.68 -6.30
C GLY B 66 14.17 10.51 -5.16
N PHE B 67 15.06 11.10 -4.39
CA PHE B 67 14.74 11.95 -3.24
C PHE B 67 15.99 12.75 -2.92
N THR B 68 15.88 13.74 -2.01
CA THR B 68 17.01 14.60 -1.63
C THR B 68 18.07 13.80 -0.84
N GLY B 69 19.32 13.88 -1.28
CA GLY B 69 20.43 13.17 -0.63
C GLY B 69 21.12 12.22 -1.57
N ILE B 70 20.46 11.86 -2.67
CA ILE B 70 21.08 10.99 -3.68
C ILE B 70 22.07 11.87 -4.47
N THR B 71 23.34 11.46 -4.51
CA THR B 71 24.39 12.18 -5.22
C THR B 71 24.72 11.43 -6.52
N GLU B 72 25.29 12.15 -7.51
CA GLU B 72 25.71 11.58 -8.79
C GLU B 72 26.81 10.53 -8.57
N GLU B 73 27.67 10.77 -7.56
CA GLU B 73 28.80 9.90 -7.21
C GLU B 73 28.37 8.50 -6.75
N MET B 74 27.23 8.41 -6.03
CA MET B 74 26.77 7.09 -5.61
C MET B 74 26.04 6.36 -6.72
N LEU B 75 25.68 7.06 -7.81
CA LEU B 75 25.02 6.43 -8.96
C LEU B 75 26.02 6.09 -10.08
N ALA B 76 27.31 6.42 -9.85
CA ALA B 76 28.41 6.28 -10.81
C ALA B 76 28.55 4.90 -11.43
N HIS B 77 28.41 3.83 -10.64
CA HIS B 77 28.55 2.46 -11.17
C HIS B 77 27.30 1.95 -11.91
N TRP B 78 26.33 2.86 -12.22
CA TRP B 78 25.02 2.53 -12.84
C TRP B 78 24.54 3.51 -13.93
N GLN B 79 25.40 4.43 -14.39
CA GLN B 79 25.09 5.48 -15.38
C GLN B 79 24.18 5.04 -16.55
N SER B 80 24.48 3.90 -17.14
CA SER B 80 23.77 3.38 -18.31
C SER B 80 22.68 2.33 -18.01
N SER B 81 22.57 1.86 -16.76
CA SER B 81 21.60 0.83 -16.43
C SER B 81 20.72 1.23 -15.25
N LEU B 82 20.44 2.54 -15.15
CA LEU B 82 19.60 3.10 -14.10
C LEU B 82 18.70 4.21 -14.64
N VAL B 83 17.46 4.26 -14.17
CA VAL B 83 16.47 5.29 -14.47
C VAL B 83 15.95 5.83 -13.13
N LEU B 84 16.00 7.16 -12.98
CA LEU B 84 15.49 7.86 -11.83
C LEU B 84 14.04 8.24 -12.06
N LEU B 85 13.24 8.09 -11.03
CA LEU B 85 11.86 8.48 -11.07
C LEU B 85 11.67 9.59 -10.06
N ALA B 86 10.96 10.68 -10.47
CA ALA B 86 10.54 11.83 -9.68
C ALA B 86 11.63 12.88 -9.47
N ARG B 87 12.90 12.53 -9.70
CA ARG B 87 14.02 13.48 -9.63
C ARG B 87 14.93 13.24 -10.82
N ASP B 88 15.70 14.25 -11.19
CA ASP B 88 16.68 14.17 -12.29
C ASP B 88 18.10 14.36 -11.73
N ALA B 89 19.10 13.95 -12.50
CA ALA B 89 20.53 14.03 -12.20
C ALA B 89 21.21 14.07 -13.55
N LYS B 90 22.19 14.99 -13.70
CA LYS B 90 22.93 15.18 -14.95
C LYS B 90 23.58 13.89 -15.44
N GLY B 91 23.30 13.51 -16.68
CA GLY B 91 23.82 12.31 -17.30
C GLY B 91 23.04 11.04 -17.04
N PHE B 92 21.90 11.16 -16.34
CA PHE B 92 21.03 10.03 -16.03
C PHE B 92 19.68 10.13 -16.70
N ALA B 93 19.14 8.98 -17.04
CA ALA B 93 17.80 8.91 -17.58
C ALA B 93 16.83 9.18 -16.41
N SER B 94 15.80 9.99 -16.66
CA SER B 94 14.82 10.27 -15.64
C SER B 94 13.42 10.42 -16.19
N VAL B 95 12.45 10.08 -15.36
CA VAL B 95 11.02 10.23 -15.61
C VAL B 95 10.50 11.08 -14.43
N CYS B 96 10.14 12.33 -14.73
CA CYS B 96 9.65 13.29 -13.77
C CYS B 96 8.22 13.73 -14.00
N TYR B 97 7.62 14.24 -12.93
CA TYR B 97 6.28 14.80 -12.94
C TYR B 97 6.34 16.32 -13.05
N ASP B 98 5.23 16.88 -13.50
CA ASP B 98 5.07 18.32 -13.66
C ASP B 98 4.31 18.87 -12.44
N ASP B 99 5.04 19.12 -11.36
CA ASP B 99 4.49 19.63 -10.09
C ASP B 99 3.85 21.00 -10.23
N GLU B 100 4.54 21.94 -10.91
CA GLU B 100 4.06 23.30 -11.13
C GLU B 100 2.77 23.26 -11.96
N GLY B 101 2.80 22.50 -13.06
CA GLY B 101 1.67 22.32 -13.97
C GLY B 101 0.44 21.73 -13.29
N ALA B 102 0.66 20.75 -12.38
CA ALA B 102 -0.38 20.08 -11.61
C ALA B 102 -1.13 21.08 -10.72
N ILE B 103 -0.38 21.97 -10.04
CA ILE B 103 -0.93 22.98 -9.13
C ILE B 103 -1.64 24.08 -9.92
N LYS B 104 -1.03 24.58 -11.02
CA LYS B 104 -1.66 25.63 -11.86
C LYS B 104 -3.01 25.16 -12.43
N ILE B 105 -3.08 23.93 -12.97
CA ILE B 105 -4.31 23.30 -13.50
C ILE B 105 -5.40 23.27 -12.39
N LEU B 106 -5.05 22.78 -11.18
CA LEU B 106 -5.98 22.70 -10.06
C LEU B 106 -6.46 24.08 -9.60
N MET B 107 -5.53 25.04 -9.46
CA MET B 107 -5.83 26.39 -9.07
C MET B 107 -6.76 27.07 -10.08
N GLN B 108 -6.53 26.87 -11.42
CA GLN B 108 -7.38 27.45 -12.46
C GLN B 108 -8.79 26.92 -12.35
N ARG B 109 -8.92 25.60 -12.10
CA ARG B 109 -10.21 24.92 -11.95
C ARG B 109 -11.00 25.53 -10.79
N LEU B 110 -10.34 25.66 -9.61
CA LEU B 110 -10.97 26.26 -8.44
C LEU B 110 -11.36 27.71 -8.70
N TYR B 111 -10.49 28.48 -9.36
CA TYR B 111 -10.72 29.88 -9.72
C TYR B 111 -11.90 30.05 -10.69
N ASP B 112 -11.97 29.21 -11.74
CA ASP B 112 -13.06 29.25 -12.72
C ASP B 112 -14.39 28.87 -12.06
N GLN B 113 -14.37 28.03 -11.00
CA GLN B 113 -15.57 27.64 -10.23
C GLN B 113 -16.07 28.80 -9.35
N GLY B 114 -15.27 29.86 -9.21
CA GLY B 114 -15.62 31.04 -8.42
C GLY B 114 -14.86 31.23 -7.11
N HIS B 115 -13.98 30.28 -6.76
CA HIS B 115 -13.19 30.34 -5.53
C HIS B 115 -12.11 31.42 -5.55
N ARG B 116 -12.09 32.25 -4.49
CA ARG B 116 -11.11 33.33 -4.35
C ARG B 116 -10.28 33.14 -3.06
N ASN B 117 -10.86 32.49 -2.03
CA ASN B 117 -10.14 32.21 -0.80
C ASN B 117 -9.87 30.72 -0.75
N ILE B 118 -8.68 30.34 -1.25
CA ILE B 118 -8.22 28.96 -1.38
C ILE B 118 -7.01 28.78 -0.50
N SER B 119 -7.13 27.91 0.51
CA SER B 119 -6.00 27.62 1.40
C SER B 119 -5.21 26.42 0.87
N TYR B 120 -3.97 26.29 1.37
CA TYR B 120 -3.03 25.26 0.95
C TYR B 120 -2.50 24.44 2.13
N LEU B 121 -2.43 23.13 1.94
CA LEU B 121 -1.91 22.18 2.92
C LEU B 121 -0.86 21.38 2.17
N GLY B 122 0.39 21.58 2.56
CA GLY B 122 1.52 20.98 1.87
C GLY B 122 2.58 20.32 2.73
N VAL B 123 3.80 20.23 2.17
CA VAL B 123 4.93 19.57 2.82
C VAL B 123 6.16 20.52 2.81
N PRO B 124 7.11 20.45 3.81
CA PRO B 124 8.23 21.41 3.85
C PRO B 124 9.08 21.49 2.58
N HIS B 125 9.68 22.67 2.34
CA HIS B 125 10.52 22.98 1.17
C HIS B 125 11.77 22.09 1.00
N SER B 126 12.18 21.36 2.05
CA SER B 126 13.30 20.42 2.00
C SER B 126 12.96 19.29 1.03
N ASP B 127 11.65 18.96 0.91
CA ASP B 127 11.13 18.02 -0.08
C ASP B 127 10.91 18.89 -1.34
N VAL B 128 11.89 18.85 -2.24
CA VAL B 128 12.01 19.71 -3.43
C VAL B 128 10.77 19.69 -4.37
N THR B 129 10.24 18.50 -4.67
CA THR B 129 9.14 18.38 -5.61
C THR B 129 7.76 18.58 -4.94
N THR B 130 7.37 17.67 -4.04
CA THR B 130 6.08 17.67 -3.34
C THR B 130 5.93 18.90 -2.44
N GLY B 131 7.05 19.35 -1.87
CA GLY B 131 7.08 20.47 -0.94
C GLY B 131 7.28 21.80 -1.61
N LYS B 132 8.53 22.10 -2.02
CA LYS B 132 8.90 23.37 -2.61
C LYS B 132 8.15 23.73 -3.90
N ARG B 133 8.30 22.93 -4.97
CA ARG B 133 7.67 23.23 -6.26
C ARG B 133 6.17 23.37 -6.19
N ARG B 134 5.48 22.46 -5.48
CA ARG B 134 4.03 22.54 -5.35
C ARG B 134 3.57 23.81 -4.60
N HIS B 135 4.21 24.15 -3.47
CA HIS B 135 3.86 25.32 -2.68
C HIS B 135 4.15 26.61 -3.41
N GLU B 136 5.29 26.68 -4.10
CA GLU B 136 5.67 27.86 -4.88
C GLU B 136 4.74 28.13 -6.05
N ALA B 137 4.22 27.04 -6.66
CA ALA B 137 3.27 27.13 -7.78
C ALA B 137 1.94 27.72 -7.29
N TYR B 138 1.53 27.34 -6.07
CA TYR B 138 0.34 27.86 -5.39
C TYR B 138 0.52 29.38 -5.13
N LEU B 139 1.72 29.78 -4.66
CA LEU B 139 2.05 31.17 -4.38
C LEU B 139 2.06 32.01 -5.64
N ALA B 140 2.67 31.50 -6.71
CA ALA B 140 2.72 32.20 -8.00
C ALA B 140 1.31 32.45 -8.55
N PHE B 141 0.39 31.47 -8.38
CA PHE B 141 -1.01 31.60 -8.82
C PHE B 141 -1.73 32.70 -8.04
N CYS B 142 -1.58 32.70 -6.69
CA CYS B 142 -2.18 33.70 -5.79
C CYS B 142 -1.72 35.10 -6.15
N LYS B 143 -0.42 35.26 -6.43
CA LYS B 143 0.24 36.52 -6.80
C LYS B 143 -0.36 37.06 -8.10
N ALA B 144 -0.44 36.20 -9.15
CA ALA B 144 -0.96 36.55 -10.47
C ALA B 144 -2.46 36.89 -10.50
N HIS B 145 -3.24 36.43 -9.51
CA HIS B 145 -4.68 36.63 -9.43
C HIS B 145 -5.13 37.41 -8.19
N LYS B 146 -4.18 38.13 -7.54
CA LYS B 146 -4.35 38.96 -6.34
C LYS B 146 -5.25 38.26 -5.27
N LEU B 147 -4.88 37.03 -4.93
CA LEU B 147 -5.54 36.21 -3.90
C LEU B 147 -4.68 36.21 -2.62
N HIS B 148 -5.31 36.08 -1.44
CA HIS B 148 -4.57 36.04 -0.19
C HIS B 148 -4.14 34.62 0.15
N PRO B 149 -2.81 34.33 0.19
CA PRO B 149 -2.36 32.95 0.48
C PRO B 149 -2.45 32.60 1.96
N VAL B 150 -2.95 31.40 2.24
CA VAL B 150 -3.08 30.84 3.58
C VAL B 150 -2.55 29.40 3.46
N ALA B 151 -1.37 29.12 4.03
CA ALA B 151 -0.76 27.79 3.90
C ALA B 151 -0.10 27.27 5.17
N ALA B 152 -0.02 25.93 5.27
CA ALA B 152 0.66 25.19 6.33
C ALA B 152 1.31 24.03 5.62
N LEU B 153 2.58 23.74 5.99
CA LEU B 153 3.40 22.70 5.38
C LEU B 153 3.82 21.61 6.41
N PRO B 154 2.87 20.79 6.93
CA PRO B 154 3.25 19.80 7.97
C PRO B 154 4.10 18.61 7.53
N GLY B 155 3.82 18.06 6.36
CA GLY B 155 4.52 16.89 5.87
C GLY B 155 3.62 15.94 5.11
N LEU B 156 4.10 14.70 4.89
CA LEU B 156 3.44 13.69 4.05
C LEU B 156 2.31 12.89 4.68
N ALA B 157 2.38 12.64 5.99
CA ALA B 157 1.44 11.77 6.69
C ALA B 157 0.04 12.32 6.80
N MET B 158 -0.92 11.40 6.67
CA MET B 158 -2.37 11.60 6.78
C MET B 158 -2.75 12.29 8.10
N LYS B 159 -2.11 11.86 9.20
CA LYS B 159 -2.35 12.39 10.54
C LYS B 159 -1.89 13.87 10.61
N GLN B 160 -0.81 14.23 9.85
CA GLN B 160 -0.29 15.62 9.78
C GLN B 160 -1.31 16.53 9.12
N GLY B 161 -2.02 16.00 8.12
CA GLY B 161 -3.10 16.72 7.43
C GLY B 161 -4.24 17.01 8.39
N TYR B 162 -4.64 15.99 9.15
CA TYR B 162 -5.70 16.04 10.15
C TYR B 162 -5.40 17.07 11.26
N GLU B 163 -4.16 17.06 11.80
CA GLU B 163 -3.72 17.93 12.89
C GLU B 163 -3.46 19.39 12.49
N ASN B 164 -3.23 19.68 11.20
CA ASN B 164 -2.87 21.05 10.81
C ASN B 164 -3.87 21.78 9.90
N VAL B 165 -4.98 21.15 9.51
CA VAL B 165 -5.99 21.74 8.61
C VAL B 165 -6.66 22.97 9.27
N ALA B 166 -7.02 22.89 10.57
CA ALA B 166 -7.68 23.98 11.32
C ALA B 166 -6.91 25.31 11.23
N LYS B 167 -5.57 25.25 11.15
CA LYS B 167 -4.64 26.38 11.04
C LYS B 167 -4.84 27.22 9.76
N VAL B 168 -5.29 26.58 8.67
CA VAL B 168 -5.49 27.22 7.36
C VAL B 168 -6.98 27.47 7.03
N ILE B 169 -7.90 27.09 7.93
CA ILE B 169 -9.32 27.33 7.72
C ILE B 169 -9.66 28.70 8.32
N THR B 170 -10.06 29.65 7.46
CA THR B 170 -10.43 31.00 7.87
C THR B 170 -11.92 31.26 7.54
N PRO B 171 -12.59 32.27 8.16
CA PRO B 171 -14.02 32.50 7.84
C PRO B 171 -14.34 32.68 6.36
N GLU B 172 -13.42 33.33 5.60
CA GLU B 172 -13.58 33.61 4.18
C GLU B 172 -13.21 32.44 3.27
N THR B 173 -12.43 31.44 3.77
CA THR B 173 -11.99 30.25 3.02
C THR B 173 -13.19 29.43 2.50
N THR B 174 -13.17 29.11 1.19
CA THR B 174 -14.20 28.32 0.50
C THR B 174 -13.62 27.04 -0.13
N ALA B 175 -12.29 27.02 -0.38
CA ALA B 175 -11.59 25.89 -1.01
C ALA B 175 -10.26 25.59 -0.36
N LEU B 176 -9.86 24.30 -0.38
CA LEU B 176 -8.60 23.86 0.18
C LEU B 176 -7.85 22.95 -0.78
N LEU B 177 -6.66 23.36 -1.19
CA LEU B 177 -5.80 22.58 -2.07
C LEU B 177 -4.80 21.81 -1.21
N CYS B 178 -4.82 20.48 -1.33
CA CYS B 178 -3.88 19.62 -0.62
C CYS B 178 -2.84 19.12 -1.61
N ALA B 179 -1.56 19.24 -1.23
CA ALA B 179 -0.41 18.83 -2.04
C ALA B 179 -0.47 17.35 -2.44
N THR B 180 -1.16 16.50 -1.64
CA THR B 180 -1.28 15.05 -1.89
C THR B 180 -2.66 14.56 -1.48
N ASP B 181 -3.13 13.46 -2.10
CA ASP B 181 -4.38 12.80 -1.76
C ASP B 181 -4.40 12.40 -0.27
N THR B 182 -3.26 11.88 0.27
CA THR B 182 -3.11 11.47 1.67
C THR B 182 -3.43 12.60 2.63
N LEU B 183 -2.95 13.82 2.30
CA LEU B 183 -3.20 15.01 3.09
C LEU B 183 -4.69 15.37 3.05
N ALA B 184 -5.32 15.24 1.86
CA ALA B 184 -6.75 15.52 1.68
C ALA B 184 -7.61 14.54 2.48
N LEU B 185 -7.19 13.27 2.56
CA LEU B 185 -7.88 12.25 3.34
C LEU B 185 -7.88 12.59 4.83
N GLY B 186 -6.73 13.04 5.34
CA GLY B 186 -6.58 13.48 6.73
C GLY B 186 -7.35 14.75 7.04
N ALA B 187 -7.28 15.74 6.14
CA ALA B 187 -8.00 17.01 6.30
C ALA B 187 -9.52 16.77 6.28
N SER B 188 -9.98 15.84 5.42
CA SER B 188 -11.38 15.44 5.26
C SER B 188 -11.97 14.86 6.55
N LYS B 189 -11.18 14.06 7.30
CA LYS B 189 -11.58 13.47 8.58
C LYS B 189 -11.91 14.56 9.59
N TYR B 190 -11.06 15.60 9.67
CA TYR B 190 -11.26 16.74 10.57
C TYR B 190 -12.56 17.49 10.20
N LEU B 191 -12.76 17.80 8.90
CA LEU B 191 -13.93 18.53 8.41
C LEU B 191 -15.24 17.77 8.67
N GLN B 192 -15.22 16.43 8.54
CA GLN B 192 -16.35 15.53 8.82
C GLN B 192 -16.70 15.64 10.31
N GLU B 193 -15.68 15.56 11.19
CA GLU B 193 -15.81 15.66 12.65
C GLU B 193 -16.41 16.99 13.10
N GLN B 194 -15.91 18.10 12.53
CA GLN B 194 -16.35 19.46 12.85
C GLN B 194 -17.62 19.86 12.11
N ARG B 195 -18.16 18.94 11.28
CA ARG B 195 -19.37 19.11 10.47
C ARG B 195 -19.27 20.32 9.49
N ILE B 196 -18.05 20.53 8.90
CA ILE B 196 -17.77 21.57 7.90
C ILE B 196 -18.02 20.93 6.52
N ASP B 197 -19.16 21.28 5.87
CA ASP B 197 -19.57 20.74 4.57
C ASP B 197 -19.41 21.72 3.40
N THR B 198 -19.25 23.01 3.74
CA THR B 198 -19.16 24.16 2.83
C THR B 198 -17.86 24.26 2.00
N LEU B 199 -16.81 23.54 2.39
CA LEU B 199 -15.51 23.63 1.75
C LEU B 199 -15.28 22.68 0.59
N GLN B 200 -14.83 23.23 -0.57
CA GLN B 200 -14.47 22.41 -1.72
C GLN B 200 -13.01 21.99 -1.57
N LEU B 201 -12.75 20.67 -1.60
CA LEU B 201 -11.38 20.15 -1.52
C LEU B 201 -10.80 19.77 -2.87
N ALA B 202 -9.48 19.91 -2.98
CA ALA B 202 -8.71 19.60 -4.19
C ALA B 202 -7.41 18.95 -3.74
N SER B 203 -6.89 17.99 -4.53
CA SER B 203 -5.62 17.29 -4.24
C SER B 203 -4.91 16.80 -5.48
N VAL B 204 -3.62 16.46 -5.32
CA VAL B 204 -2.77 15.95 -6.39
C VAL B 204 -2.60 14.45 -6.13
N GLY B 205 -2.98 13.65 -7.11
CA GLY B 205 -2.82 12.21 -7.00
C GLY B 205 -3.75 11.43 -7.89
N ASN B 206 -5.06 11.65 -7.72
CA ASN B 206 -6.09 10.91 -8.43
C ASN B 206 -5.95 9.38 -8.14
N THR B 207 -5.57 9.05 -6.89
CA THR B 207 -5.41 7.66 -6.45
C THR B 207 -6.79 6.98 -6.37
N PRO B 208 -6.87 5.65 -6.59
CA PRO B 208 -8.19 4.98 -6.54
C PRO B 208 -8.93 5.10 -5.21
N LEU B 209 -8.18 5.13 -4.09
CA LEU B 209 -8.70 5.27 -2.73
C LEU B 209 -9.44 6.60 -2.57
N MET B 210 -8.81 7.69 -3.04
CA MET B 210 -9.37 9.05 -3.08
C MET B 210 -10.64 9.07 -3.96
N LYS B 211 -10.55 8.55 -5.20
CA LYS B 211 -11.68 8.51 -6.14
C LYS B 211 -12.89 7.79 -5.56
N PHE B 212 -12.65 6.65 -4.86
CA PHE B 212 -13.71 5.85 -4.25
C PHE B 212 -14.31 6.53 -3.01
N LEU B 213 -13.47 7.00 -2.08
CA LEU B 213 -13.94 7.60 -0.84
C LEU B 213 -14.49 9.00 -0.97
N HIS B 214 -13.88 9.82 -1.82
CA HIS B 214 -14.26 11.21 -2.01
C HIS B 214 -14.38 11.59 -3.48
N PRO B 215 -15.48 11.13 -4.15
CA PRO B 215 -15.71 11.51 -5.57
C PRO B 215 -15.84 13.03 -5.76
N GLU B 216 -16.27 13.74 -4.70
CA GLU B 216 -16.46 15.19 -4.71
C GLU B 216 -15.15 16.01 -4.67
N ILE B 217 -14.00 15.40 -4.26
CA ILE B 217 -12.70 16.12 -4.24
C ILE B 217 -12.25 16.28 -5.70
N VAL B 218 -11.79 17.49 -6.09
CA VAL B 218 -11.24 17.73 -7.43
C VAL B 218 -9.78 17.24 -7.40
N THR B 219 -9.43 16.29 -8.26
CA THR B 219 -8.06 15.76 -8.28
C THR B 219 -7.34 15.99 -9.57
N VAL B 220 -6.01 16.03 -9.50
CA VAL B 220 -5.18 16.17 -10.68
C VAL B 220 -4.31 14.92 -10.75
N ASP B 221 -4.28 14.29 -11.93
CA ASP B 221 -3.50 13.09 -12.14
C ASP B 221 -2.06 13.45 -12.61
N PRO B 222 -1.03 13.18 -11.75
CA PRO B 222 0.35 13.48 -12.16
C PRO B 222 0.86 12.53 -13.25
N GLY B 223 0.16 11.42 -13.46
CA GLY B 223 0.48 10.41 -14.47
C GLY B 223 1.36 9.29 -13.99
N TYR B 224 1.12 8.77 -12.77
CA TYR B 224 1.89 7.67 -12.16
C TYR B 224 1.92 6.44 -13.06
N ALA B 225 0.75 6.07 -13.64
CA ALA B 225 0.62 4.93 -14.54
C ALA B 225 1.51 5.13 -15.78
N GLU B 226 1.44 6.31 -16.41
CA GLU B 226 2.27 6.61 -17.56
C GLU B 226 3.76 6.61 -17.22
N ALA B 227 4.12 7.25 -16.07
CA ALA B 227 5.50 7.32 -15.56
C ALA B 227 6.13 5.93 -15.42
N GLY B 228 5.37 5.00 -14.84
CA GLY B 228 5.76 3.61 -14.69
C GLY B 228 6.11 2.94 -16.01
N ARG B 229 5.23 3.06 -17.03
CA ARG B 229 5.40 2.50 -18.38
C ARG B 229 6.65 3.06 -19.04
N GLN B 230 6.82 4.41 -18.98
CA GLN B 230 7.96 5.13 -19.54
C GLN B 230 9.28 4.73 -18.91
N ALA B 231 9.31 4.61 -17.57
CA ALA B 231 10.54 4.26 -16.85
C ALA B 231 11.00 2.86 -17.24
N ALA B 232 10.05 1.91 -17.32
CA ALA B 232 10.34 0.53 -17.70
C ALA B 232 10.88 0.45 -19.11
N CYS B 233 10.24 1.16 -20.04
CA CYS B 233 10.65 1.18 -21.43
C CYS B 233 11.97 1.91 -21.64
N GLN B 234 12.20 3.06 -20.98
CA GLN B 234 13.48 3.75 -21.05
C GLN B 234 14.61 2.83 -20.52
N LEU B 235 14.39 2.13 -19.38
CA LEU B 235 15.38 1.21 -18.82
C LEU B 235 15.77 0.09 -19.77
N ILE B 236 14.76 -0.63 -20.35
CA ILE B 236 15.04 -1.77 -21.23
C ILE B 236 15.74 -1.28 -22.50
N ALA B 237 15.34 -0.09 -23.00
CA ALA B 237 15.94 0.52 -24.17
C ALA B 237 17.43 0.81 -23.95
N GLN B 238 17.81 1.37 -22.79
CA GLN B 238 19.24 1.64 -22.59
C GLN B 238 20.05 0.39 -22.23
N VAL B 239 19.50 -0.57 -21.45
CA VAL B 239 20.27 -1.78 -21.12
C VAL B 239 20.50 -2.68 -22.36
N THR B 240 19.66 -2.56 -23.40
CA THR B 240 19.82 -3.35 -24.63
C THR B 240 20.53 -2.55 -25.74
N GLY B 241 20.95 -1.33 -25.41
CA GLY B 241 21.65 -0.42 -26.33
C GLY B 241 20.80 0.24 -27.38
N ARG B 242 19.46 0.09 -27.31
CA ARG B 242 18.54 0.71 -28.28
C ARG B 242 18.42 2.23 -28.08
N SER B 243 18.72 2.73 -26.87
CA SER B 243 18.63 4.17 -26.55
C SER B 243 19.69 4.68 -25.58
N GLU B 244 19.93 5.99 -25.67
CA GLU B 244 20.83 6.77 -24.82
C GLU B 244 19.93 7.35 -23.70
N PRO B 245 20.44 7.81 -22.54
CA PRO B 245 19.53 8.35 -21.51
C PRO B 245 18.74 9.58 -21.95
N GLN B 246 17.44 9.60 -21.62
CA GLN B 246 16.52 10.71 -21.90
C GLN B 246 15.95 11.21 -20.59
N GLN B 247 15.47 12.45 -20.57
CA GLN B 247 14.82 13.09 -19.43
C GLN B 247 13.38 13.39 -19.88
N ILE B 248 12.44 12.63 -19.35
CA ILE B 248 11.03 12.70 -19.71
C ILE B 248 10.25 13.39 -18.60
N ILE B 249 9.30 14.25 -18.99
CA ILE B 249 8.40 14.92 -18.07
C ILE B 249 7.01 14.45 -18.46
N ILE B 250 6.26 13.88 -17.51
CA ILE B 250 4.90 13.40 -17.74
C ILE B 250 3.95 14.58 -17.52
N PRO B 251 3.09 14.93 -18.50
CA PRO B 251 2.17 16.05 -18.26
C PRO B 251 1.06 15.66 -17.27
N ALA B 252 0.63 16.64 -16.46
CA ALA B 252 -0.44 16.48 -15.47
C ALA B 252 -1.76 16.68 -16.22
N THR B 253 -2.83 15.98 -15.84
CA THR B 253 -4.14 16.10 -16.48
C THR B 253 -5.21 16.18 -15.39
N LEU B 254 -6.28 16.90 -15.68
CA LEU B 254 -7.38 17.06 -14.74
C LEU B 254 -8.41 15.96 -14.89
N SER B 255 -9.04 15.56 -13.75
CA SER B 255 -10.06 14.52 -13.54
C SER B 255 -9.43 13.14 -13.32
C1 GLC C . -5.00 -12.94 1.55
C2 GLC C . -5.86 -14.11 1.08
C3 GLC C . -5.38 -15.41 1.71
C4 GLC C . -3.88 -15.59 1.52
C5 GLC C . -3.14 -14.36 2.01
C6 GLC C . -1.65 -14.43 1.78
O2 GLC C . -7.23 -13.88 1.39
O3 GLC C . -6.02 -16.53 1.11
O4 GLC C . -3.44 -16.72 2.25
O5 GLC C . -3.63 -13.20 1.32
O6 GLC C . -0.99 -13.26 2.22
H1 GLC C . -5.19 -12.05 0.93
H2 GLC C . -5.85 -14.17 0.00
H3 GLC C . -5.60 -15.41 2.78
H4 GLC C . -3.68 -15.73 0.45
H5 GLC C . -3.29 -14.27 3.09
H61 GLC C . -1.43 -14.66 0.74
H62 GLC C . -1.19 -15.23 2.38
HO2 GLC C . -7.77 -13.92 0.55
HO3 GLC C . -6.74 -16.80 1.74
HO4 GLC C . -2.71 -17.13 1.72
HO6 GLC C . -1.40 -12.51 1.73
C1 G6P C . -4.58 -11.59 3.49
C2 G6P C . -4.56 -11.71 5.02
C3 G6P C . -5.95 -11.48 5.63
C4 G6P C . -6.55 -10.19 5.10
C5 G6P C . -6.58 -10.27 3.57
C6 G6P C . -7.20 -9.06 2.92
O1 G6P C . -5.26 -12.71 2.93
O2 G6P C . -4.07 -12.97 5.43
O3 G6P C . -5.85 -11.37 7.04
O4 G6P C . -7.84 -9.99 5.67
O5 G6P C . -5.24 -10.40 3.07
O6 G6P C . -6.58 -7.90 3.48
P G6P C . -6.18 -6.67 2.53
O1P G6P C . -7.47 -6.19 1.89
O2P G6P C . -5.64 -5.56 3.43
O3P G6P C . -5.22 -7.20 1.54
H1 G6P C . -3.58 -11.43 3.12
H2 G6P C . -3.84 -11.01 5.43
H3 G6P C . -6.61 -12.32 5.39
H4 G6P C . -5.89 -9.38 5.41
H5 G6P C . -7.20 -11.12 3.29
H61 G6P C . -7.11 -9.10 1.84
H62 G6P C . -8.27 -8.98 3.15
HO2 G6P C . -4.69 -13.69 5.15
HO3 G6P C . -5.09 -11.94 7.35
HO4 G6P C . -7.69 -9.64 6.59
C1 GLC D . 7.52 11.44 -2.48
C2 GLC D . 8.34 12.65 -2.00
C3 GLC D . 9.31 13.13 -3.09
C4 GLC D . 10.14 11.96 -3.59
C5 GLC D . 9.22 10.85 -4.06
C6 GLC D . 9.96 9.62 -4.54
O2 GLC D . 7.47 13.71 -1.63
O3 GLC D . 10.17 14.13 -2.57
O4 GLC D . 10.93 12.39 -4.69
O5 GLC D . 8.38 10.42 -2.96
O6 GLC D . 9.04 8.67 -5.03
H1 GLC D . 7.03 10.96 -1.63
H2 GLC D . 8.87 12.40 -1.09
H3 GLC D . 8.74 13.54 -3.92
H4 GLC D . 10.77 11.61 -2.78
H5 GLC D . 8.63 11.21 -4.90
H61 GLC D . 10.60 9.22 -3.76
H62 GLC D . 10.59 9.84 -5.40
HO2 GLC D . 7.69 13.99 -0.70
HO3 GLC D . 9.79 14.99 -2.88
HO4 GLC D . 11.78 11.88 -4.64
HO6 GLC D . 8.44 8.44 -4.28
C1 G6P D . 5.69 10.86 -3.91
C2 G6P D . 5.06 11.30 -5.23
C3 G6P D . 4.10 12.46 -5.04
C4 G6P D . 3.09 12.12 -3.96
C5 G6P D . 3.85 11.78 -2.68
C6 G6P D . 2.96 11.40 -1.53
O1 G6P D . 6.61 11.86 -3.49
O2 G6P D . 6.07 11.65 -6.16
O3 G6P D . 3.45 12.81 -6.26
O4 G6P D . 2.18 13.19 -3.77
O5 G6P D . 4.71 10.66 -2.92
O6 G6P D . 2.07 10.35 -2.00
P G6P D . 1.70 9.15 -1.02
O1P G6P D . 2.91 8.40 -0.71
O2P G6P D . 1.10 9.83 0.23
O3P G6P D . 0.64 8.33 -1.74
H1 G6P D . 6.12 9.87 -4.01
H2 G6P D . 4.57 10.45 -5.71
H3 G6P D . 4.67 13.33 -4.71
H4 G6P D . 2.53 11.24 -4.29
H5 G6P D . 4.43 12.66 -2.37
H61 G6P D . 3.52 11.10 -0.66
H62 G6P D . 2.32 12.23 -1.23
HO2 G6P D . 6.65 12.35 -5.76
HO3 G6P D . 2.63 12.26 -6.35
HO4 G6P D . 1.47 13.10 -4.46
#